data_8ZU2
#
_entry.id   8ZU2
#
_cell.length_a   55.669
_cell.length_b   58.555
_cell.length_c   99.271
_cell.angle_alpha   90.0
_cell.angle_beta   90.0
_cell.angle_gamma   90.0
#
_symmetry.space_group_name_H-M   'P 21 2 21'
#
loop_
_entity.id
_entity.type
_entity.pdbx_description
1 polymer 'Membrane-associated tyrosine- and threonine-specific cdc2-inhibitory kinase'
2 non-polymer GLYCINE
3 non-polymer 2-azanyl-5-[2-(1,4-diazepan-1-yl)pyridin-4-yl]-3-(2,6-dimethyl-3-oxidanyl-phenyl)benzamide
4 water water
#
_entity_poly.entity_id   1
_entity_poly.type   'polypeptide(L)'
_entity_poly.pdbx_seq_one_letter_code
;HQLQPRRVSFRGEASETLQSPGYDPSRPESFFQQSFQRLSRLGHGSYGEVFKVRSKEDGRLYAVKRSMSPFRGPKDRARK
LAEVGSHEKVGQHPCCVRLEQAWEEGGILYLQTELCGPSLQQHCEAWGASLPEAQVWGYLRDTLLALAHLHSQGLVHLDV
KPANIFLGPRGRCKLGDFGLLVELGTAGAGEVQEGDPRYMAPELLQGSYGTAADVFSLGLTILEVACNMELPHGGEGWQQ
LRQGYLPPEFTAGLSSELRSVLVMMLEPDPKLRATAEALLALPVLRQ
;
_entity_poly.pdbx_strand_id   A
#
loop_
_chem_comp.id
_chem_comp.type
_chem_comp.name
_chem_comp.formula
A1D85 non-polymer 2-azanyl-5-[2-(1,4-diazepan-1-yl)pyridin-4-yl]-3-(2,6-dimethyl-3-oxidanyl-phenyl)benzamide 'C25 H29 N5 O2'
#
# COMPACT_ATOMS: atom_id res chain seq x y z
N HIS A 1 4.11 -33.17 16.38
CA HIS A 1 5.31 -32.56 15.83
C HIS A 1 4.96 -31.49 14.79
N GLN A 2 5.84 -30.51 14.65
CA GLN A 2 5.66 -29.41 13.69
C GLN A 2 6.78 -29.34 12.66
N LEU A 3 6.41 -29.14 11.40
CA LEU A 3 7.41 -28.99 10.34
C LEU A 3 8.24 -27.72 10.56
N GLN A 4 9.49 -27.74 10.10
CA GLN A 4 10.35 -26.56 10.18
C GLN A 4 9.79 -25.43 9.32
N PRO A 5 10.10 -24.18 9.70
CA PRO A 5 9.69 -23.03 8.88
C PRO A 5 10.26 -23.14 7.48
N ARG A 6 9.49 -22.71 6.50
CA ARG A 6 9.91 -22.78 5.12
C ARG A 6 9.90 -21.39 4.53
N ARG A 7 10.98 -21.02 3.83
CA ARG A 7 10.99 -19.74 3.13
C ARG A 7 9.94 -19.70 2.03
N VAL A 8 9.28 -18.57 1.88
CA VAL A 8 8.36 -18.36 0.77
C VAL A 8 8.97 -17.37 -0.21
N SER A 9 9.14 -17.81 -1.44
CA SER A 9 9.69 -16.96 -2.49
C SER A 9 9.31 -17.52 -3.83
N PHE A 10 9.11 -16.63 -4.80
CA PHE A 10 8.76 -17.07 -6.14
C PHE A 10 9.91 -16.87 -7.11
N ARG A 11 11.10 -16.67 -6.54
CA ARG A 11 12.32 -16.58 -7.33
C ARG A 11 12.91 -17.97 -7.57
N GLY A 12 13.24 -18.65 -6.48
CA GLY A 12 13.76 -20.01 -6.55
C GLY A 12 15.13 -20.10 -7.19
N SER A 20 19.33 -19.13 7.64
CA SER A 20 18.61 -19.12 8.92
C SER A 20 19.53 -18.74 10.06
N PRO A 21 20.10 -17.53 10.03
CA PRO A 21 21.05 -17.13 11.07
C PRO A 21 20.41 -17.03 12.46
N GLY A 22 21.04 -17.65 13.44
CA GLY A 22 20.60 -17.59 14.83
C GLY A 22 19.45 -18.52 15.22
N TYR A 23 18.87 -19.18 14.23
CA TYR A 23 17.70 -20.03 14.50
C TYR A 23 18.12 -21.48 14.74
N ASP A 24 17.58 -22.08 15.81
CA ASP A 24 17.87 -23.48 16.13
C ASP A 24 16.62 -24.37 16.11
N PRO A 25 16.49 -25.21 15.07
CA PRO A 25 15.36 -26.13 14.86
C PRO A 25 15.12 -27.10 16.03
N SER A 26 16.14 -27.29 16.87
CA SER A 26 16.05 -28.22 17.99
C SER A 26 15.13 -27.71 19.09
N ARG A 27 15.04 -26.38 19.21
CA ARG A 27 14.19 -25.75 20.20
C ARG A 27 12.75 -25.66 19.70
N PRO A 28 11.77 -25.72 20.62
CA PRO A 28 10.35 -25.73 20.25
C PRO A 28 9.80 -24.37 19.79
N GLU A 29 10.47 -23.28 20.16
CA GLU A 29 9.99 -21.95 19.80
C GLU A 29 10.00 -21.72 18.30
N SER A 30 9.00 -20.99 17.80
CA SER A 30 8.89 -20.70 16.37
C SER A 30 10.07 -19.88 15.87
N PHE A 31 10.23 -19.81 14.56
CA PHE A 31 11.24 -18.96 13.95
C PHE A 31 10.97 -17.52 14.37
N PHE A 32 9.71 -17.11 14.30
CA PHE A 32 9.34 -15.76 14.69
C PHE A 32 9.72 -15.45 16.15
N GLN A 33 9.58 -16.42 17.06
CA GLN A 33 9.93 -16.15 18.45
C GLN A 33 11.44 -16.21 18.67
N GLN A 34 12.11 -17.18 18.06
CA GLN A 34 13.54 -17.29 18.24
C GLN A 34 14.31 -16.13 17.62
N SER A 35 13.86 -15.67 16.46
CA SER A 35 14.67 -14.79 15.62
C SER A 35 14.37 -13.31 15.79
N PHE A 36 13.35 -12.98 16.59
CA PHE A 36 12.93 -11.58 16.72
C PHE A 36 12.51 -11.20 18.13
N GLN A 37 12.77 -9.95 18.49
CA GLN A 37 12.24 -9.39 19.71
C GLN A 37 11.01 -8.57 19.35
N ARG A 38 9.86 -8.92 19.92
CA ARG A 38 8.61 -8.22 19.63
C ARG A 38 8.51 -6.95 20.48
N LEU A 39 8.40 -5.80 19.84
CA LEU A 39 8.45 -4.52 20.56
C LEU A 39 7.08 -3.86 20.74
N SER A 40 6.24 -3.92 19.72
CA SER A 40 4.89 -3.40 19.82
C SER A 40 4.00 -3.97 18.72
N ARG A 41 2.68 -3.90 18.89
CA ARG A 41 1.79 -4.27 17.81
C ARG A 41 1.34 -3.01 17.07
N LEU A 42 1.55 -2.99 15.76
CA LEU A 42 1.26 -1.82 14.93
C LEU A 42 -0.13 -1.89 14.32
N GLY A 43 -0.69 -3.09 14.25
CA GLY A 43 -2.02 -3.24 13.69
C GLY A 43 -2.56 -4.64 13.84
N HIS A 44 -3.88 -4.78 13.79
CA HIS A 44 -4.50 -6.09 13.79
C HIS A 44 -5.88 -6.00 13.15
N GLY A 45 -6.22 -7.03 12.39
CA GLY A 45 -7.52 -7.11 11.75
C GLY A 45 -7.64 -8.45 11.04
N SER A 46 -8.59 -8.57 10.13
CA SER A 46 -8.77 -9.84 9.42
C SER A 46 -7.56 -10.13 8.52
N TYR A 47 -6.84 -9.08 8.13
CA TYR A 47 -5.65 -9.24 7.29
C TYR A 47 -4.48 -9.84 8.05
N GLY A 48 -4.56 -9.85 9.37
CA GLY A 48 -3.46 -10.36 10.18
C GLY A 48 -3.07 -9.43 11.31
N GLU A 49 -1.91 -9.67 11.90
CA GLU A 49 -1.33 -8.80 12.92
C GLU A 49 0.01 -8.29 12.42
N VAL A 50 0.35 -7.06 12.75
CA VAL A 50 1.63 -6.50 12.34
C VAL A 50 2.39 -6.06 13.58
N PHE A 51 3.64 -6.51 13.70
CA PHE A 51 4.46 -6.17 14.86
C PHE A 51 5.68 -5.37 14.48
N LYS A 52 6.01 -4.38 15.29
CA LYS A 52 7.35 -3.79 15.26
C LYS A 52 8.29 -4.77 15.97
N VAL A 53 9.37 -5.15 15.31
CA VAL A 53 10.31 -6.10 15.92
C VAL A 53 11.76 -5.63 15.76
N ARG A 54 12.64 -6.21 16.56
CA ARG A 54 14.06 -6.09 16.29
C ARG A 54 14.58 -7.46 15.92
N SER A 55 15.45 -7.50 14.91
CA SER A 55 15.99 -8.75 14.40
C SER A 55 17.22 -9.19 15.19
N LYS A 56 17.24 -10.47 15.54
CA LYS A 56 18.38 -11.03 16.26
C LYS A 56 19.56 -11.18 15.31
N GLU A 57 19.26 -11.32 14.02
CA GLU A 57 20.28 -11.54 13.01
C GLU A 57 21.16 -10.31 12.78
N ASP A 58 20.56 -9.12 12.70
CA ASP A 58 21.34 -7.93 12.40
C ASP A 58 21.14 -6.77 13.37
N GLY A 59 20.23 -6.95 14.32
CA GLY A 59 20.03 -5.95 15.37
C GLY A 59 19.18 -4.77 14.92
N ARG A 60 18.67 -4.84 13.70
CA ARG A 60 17.89 -3.74 13.14
C ARG A 60 16.39 -3.92 13.37
N LEU A 61 15.67 -2.80 13.30
CA LEU A 61 14.21 -2.80 13.41
C LEU A 61 13.53 -3.18 12.10
N TYR A 62 12.42 -3.90 12.21
CA TYR A 62 11.62 -4.33 11.07
C TYR A 62 10.16 -4.37 11.46
N ALA A 63 9.31 -4.59 10.47
CA ALA A 63 7.92 -4.91 10.73
C ALA A 63 7.66 -6.33 10.24
N VAL A 64 6.86 -7.08 10.99
CA VAL A 64 6.47 -8.43 10.56
C VAL A 64 4.96 -8.57 10.59
N LYS A 65 4.39 -8.97 9.45
CA LYS A 65 2.97 -9.26 9.36
C LYS A 65 2.78 -10.76 9.38
N ARG A 66 1.87 -11.24 10.23
CA ARG A 66 1.57 -12.66 10.22
C ARG A 66 0.06 -12.85 10.13
N SER A 67 -0.34 -13.88 9.38
CA SER A 67 -1.74 -14.16 9.16
C SER A 67 -2.39 -14.63 10.46
N MET A 68 -3.72 -14.52 10.53
CA MET A 68 -4.45 -14.78 11.77
C MET A 68 -4.68 -16.27 12.04
N SER A 69 -4.96 -17.03 10.98
CA SER A 69 -5.31 -18.44 11.18
C SER A 69 -4.63 -19.34 10.15
N PRO A 70 -4.36 -20.61 10.53
CA PRO A 70 -3.69 -21.55 9.62
C PRO A 70 -4.43 -21.71 8.29
N PHE A 71 -3.69 -21.93 7.21
CA PHE A 71 -4.27 -22.24 5.91
C PHE A 71 -5.39 -23.26 6.03
N ARG A 72 -6.49 -23.03 5.31
CA ARG A 72 -7.64 -23.92 5.39
C ARG A 72 -7.57 -25.04 4.36
N GLY A 73 -6.76 -24.86 3.32
CA GLY A 73 -6.63 -25.86 2.27
C GLY A 73 -5.59 -25.36 1.28
N PRO A 74 -5.27 -26.15 0.25
CA PRO A 74 -4.22 -25.76 -0.70
C PRO A 74 -4.51 -24.47 -1.45
N LYS A 75 -5.77 -24.19 -1.80
CA LYS A 75 -6.07 -22.95 -2.52
C LYS A 75 -5.96 -21.71 -1.64
N ASP A 76 -6.42 -21.82 -0.39
CA ASP A 76 -6.25 -20.76 0.59
C ASP A 76 -4.77 -20.44 0.77
N ARG A 77 -3.96 -21.49 0.92
CA ARG A 77 -2.52 -21.31 1.02
C ARG A 77 -1.94 -20.59 -0.21
N ALA A 78 -2.30 -21.08 -1.39
CA ALA A 78 -1.78 -20.51 -2.62
C ALA A 78 -2.13 -19.04 -2.71
N ARG A 79 -3.37 -18.70 -2.37
CA ARG A 79 -3.82 -17.31 -2.47
C ARG A 79 -3.09 -16.42 -1.48
N LYS A 80 -2.85 -16.93 -0.29
CA LYS A 80 -2.13 -16.15 0.71
C LYS A 80 -0.67 -15.96 0.32
N LEU A 81 -0.03 -17.04 -0.14
CA LEU A 81 1.38 -16.98 -0.52
C LEU A 81 1.59 -16.05 -1.72
N ALA A 82 0.57 -15.92 -2.56
CA ALA A 82 0.66 -15.06 -3.75
C ALA A 82 1.03 -13.62 -3.41
N GLU A 83 0.71 -13.18 -2.19
CA GLU A 83 1.12 -11.83 -1.77
C GLU A 83 2.62 -11.66 -1.86
N VAL A 84 3.34 -12.70 -1.46
CA VAL A 84 4.80 -12.65 -1.46
C VAL A 84 5.34 -12.49 -2.88
N GLY A 85 4.77 -13.26 -3.82
CA GLY A 85 5.17 -13.15 -5.21
C GLY A 85 4.99 -11.76 -5.76
N SER A 86 3.84 -11.15 -5.47
CA SER A 86 3.57 -9.80 -5.90
C SER A 86 4.54 -8.82 -5.25
N HIS A 87 4.78 -8.99 -3.96
CA HIS A 87 5.67 -8.07 -3.25
C HIS A 87 7.10 -8.22 -3.79
N GLU A 88 7.50 -9.44 -4.13
CA GLU A 88 8.82 -9.63 -4.72
C GLU A 88 8.93 -8.94 -6.07
N LYS A 89 7.85 -8.90 -6.84
CA LYS A 89 7.87 -8.20 -8.13
C LYS A 89 8.10 -6.70 -7.96
N VAL A 90 7.63 -6.14 -6.85
CA VAL A 90 7.87 -4.72 -6.55
C VAL A 90 9.35 -4.49 -6.21
N GLY A 91 9.92 -5.39 -5.43
CA GLY A 91 11.35 -5.35 -5.15
C GLY A 91 11.79 -4.14 -4.37
N GLN A 92 12.90 -3.51 -4.78
CA GLN A 92 13.47 -2.39 -4.04
C GLN A 92 13.21 -1.05 -4.72
N HIS A 93 12.54 -0.16 -4.00
CA HIS A 93 12.27 1.20 -4.47
C HIS A 93 12.04 2.10 -3.26
N PRO A 94 12.59 3.33 -3.29
CA PRO A 94 12.54 4.14 -2.06
C PRO A 94 11.13 4.57 -1.64
N CYS A 95 10.15 4.41 -2.53
CA CYS A 95 8.78 4.80 -2.23
C CYS A 95 7.85 3.61 -2.15
N CYS A 96 8.43 2.40 -2.03
CA CYS A 96 7.65 1.18 -1.85
C CYS A 96 8.13 0.42 -0.63
N VAL A 97 7.22 -0.13 0.14
CA VAL A 97 7.61 -0.90 1.33
C VAL A 97 8.43 -2.10 0.88
N ARG A 98 9.65 -2.24 1.41
CA ARG A 98 10.57 -3.27 0.95
C ARG A 98 10.40 -4.57 1.74
N LEU A 99 10.17 -5.68 1.04
CA LEU A 99 10.14 -7.00 1.65
C LEU A 99 11.55 -7.53 1.93
N GLU A 100 11.80 -7.96 3.16
CA GLU A 100 13.10 -8.52 3.50
C GLU A 100 13.10 -10.04 3.27
N GLN A 101 12.12 -10.71 3.87
CA GLN A 101 11.97 -12.15 3.70
C GLN A 101 10.58 -12.57 4.16
N ALA A 102 10.14 -13.72 3.68
CA ALA A 102 8.84 -14.24 4.04
C ALA A 102 9.00 -15.72 4.33
N TRP A 103 8.17 -16.25 5.21
CA TRP A 103 8.23 -17.68 5.51
C TRP A 103 6.90 -18.17 6.01
N GLU A 104 6.73 -19.49 6.02
CA GLU A 104 5.52 -20.09 6.56
C GLU A 104 5.90 -21.07 7.66
N GLU A 105 5.16 -21.03 8.76
CA GLU A 105 5.35 -22.01 9.84
C GLU A 105 4.03 -22.24 10.55
N GLY A 106 3.70 -23.51 10.81
CA GLY A 106 2.45 -23.82 11.50
C GLY A 106 1.21 -23.37 10.73
N GLY A 107 1.33 -23.31 9.41
CA GLY A 107 0.22 -22.89 8.56
C GLY A 107 0.01 -21.39 8.54
N ILE A 108 0.92 -20.66 9.19
CA ILE A 108 0.85 -19.20 9.28
C ILE A 108 1.88 -18.53 8.36
N LEU A 109 1.47 -17.49 7.63
CA LEU A 109 2.37 -16.79 6.72
C LEU A 109 2.92 -15.51 7.36
N TYR A 110 4.23 -15.34 7.27
CA TYR A 110 4.92 -14.19 7.84
C TYR A 110 5.61 -13.40 6.75
N LEU A 111 5.39 -12.09 6.71
CA LEU A 111 6.16 -11.18 5.85
C LEU A 111 6.94 -10.21 6.70
N GLN A 112 8.26 -10.23 6.58
CA GLN A 112 9.14 -9.28 7.25
C GLN A 112 9.52 -8.16 6.29
N THR A 113 9.18 -6.93 6.64
CA THR A 113 9.57 -5.82 5.78
C THR A 113 10.38 -4.81 6.56
N GLU A 114 10.89 -3.82 5.84
CA GLU A 114 11.44 -2.65 6.50
C GLU A 114 10.38 -2.06 7.43
N LEU A 115 10.83 -1.38 8.47
CA LEU A 115 9.92 -0.71 9.39
C LEU A 115 9.64 0.69 8.89
N CYS A 116 8.36 0.99 8.74
CA CYS A 116 7.94 2.33 8.34
C CYS A 116 7.19 3.02 9.47
N GLY A 117 6.86 4.29 9.25
CA GLY A 117 6.10 5.04 10.23
C GLY A 117 4.61 4.77 10.12
N PRO A 118 3.81 5.63 10.75
CA PRO A 118 2.34 5.53 10.70
C PRO A 118 1.81 5.66 9.29
N SER A 119 0.64 5.09 9.02
CA SER A 119 0.00 5.28 7.72
C SER A 119 -0.43 6.72 7.57
N LEU A 120 -0.74 7.13 6.34
CA LEU A 120 -1.25 8.48 6.11
C LEU A 120 -2.58 8.67 6.82
N GLN A 121 -3.35 7.58 6.89
CA GLN A 121 -4.61 7.64 7.63
C GLN A 121 -4.38 7.99 9.10
N GLN A 122 -3.45 7.29 9.73
CA GLN A 122 -3.12 7.58 11.13
C GLN A 122 -2.55 8.98 11.31
N HIS A 123 -1.69 9.39 10.40
CA HIS A 123 -1.06 10.70 10.46
C HIS A 123 -2.12 11.80 10.40
N CYS A 124 -3.05 11.66 9.46
CA CYS A 124 -4.17 12.60 9.37
C CYS A 124 -5.01 12.61 10.63
N GLU A 125 -5.34 11.42 11.13
CA GLU A 125 -6.24 11.30 12.28
C GLU A 125 -5.67 11.94 13.54
N ALA A 126 -4.34 12.09 13.61
CA ALA A 126 -3.72 12.60 14.82
C ALA A 126 -3.03 13.93 14.59
N TRP A 127 -3.25 14.51 13.41
CA TRP A 127 -2.77 15.85 13.14
C TRP A 127 -3.64 16.90 13.84
N SER A 130 -5.89 20.46 9.75
CA SER A 130 -5.68 20.06 8.36
C SER A 130 -4.19 20.08 8.03
N LEU A 131 -3.73 19.04 7.32
CA LEU A 131 -2.33 18.93 6.95
C LEU A 131 -1.85 20.14 6.16
N PRO A 132 -0.64 20.64 6.47
CA PRO A 132 -0.04 21.70 5.65
C PRO A 132 0.16 21.18 4.23
N GLU A 133 -0.10 22.00 3.22
CA GLU A 133 -0.07 21.48 1.86
C GLU A 133 1.32 21.06 1.42
N ALA A 134 2.36 21.69 1.96
CA ALA A 134 3.72 21.31 1.64
C ALA A 134 3.94 19.81 1.89
N GLN A 135 3.41 19.32 3.01
CA GLN A 135 3.47 17.89 3.31
C GLN A 135 2.69 17.04 2.30
N VAL A 136 1.50 17.51 1.96
CA VAL A 136 0.64 16.81 1.01
C VAL A 136 1.32 16.69 -0.36
N TRP A 137 1.97 17.76 -0.81
CA TRP A 137 2.71 17.70 -2.08
C TRP A 137 3.78 16.61 -2.06
N GLY A 138 4.44 16.46 -0.92
CA GLY A 138 5.46 15.44 -0.74
C GLY A 138 4.90 14.04 -0.82
N TYR A 139 3.75 13.82 -0.20
CA TYR A 139 3.13 12.49 -0.22
C TYR A 139 2.64 12.16 -1.62
N LEU A 140 2.10 13.16 -2.31
CA LEU A 140 1.65 12.97 -3.68
C LEU A 140 2.83 12.60 -4.57
N ARG A 141 3.92 13.34 -4.47
CA ARG A 141 5.08 13.08 -5.31
C ARG A 141 5.66 11.69 -5.05
N ASP A 142 5.86 11.35 -3.77
CA ASP A 142 6.45 10.05 -3.44
C ASP A 142 5.58 8.89 -3.93
N THR A 143 4.28 9.01 -3.72
CA THR A 143 3.41 7.92 -4.13
C THR A 143 3.28 7.87 -5.65
N LEU A 144 3.38 9.01 -6.32
CA LEU A 144 3.47 8.99 -7.80
C LEU A 144 4.74 8.26 -8.29
N LEU A 145 5.86 8.47 -7.61
CA LEU A 145 7.09 7.74 -7.94
C LEU A 145 6.88 6.23 -7.76
N ALA A 146 6.16 5.86 -6.72
CA ALA A 146 5.80 4.45 -6.49
C ALA A 146 4.95 3.90 -7.64
N LEU A 147 3.95 4.67 -8.08
CA LEU A 147 3.11 4.18 -9.17
C LEU A 147 3.89 4.09 -10.47
N ALA A 148 4.80 5.02 -10.71
CA ALA A 148 5.61 4.93 -11.92
C ALA A 148 6.43 3.65 -11.86
N HIS A 149 6.94 3.34 -10.68
CA HIS A 149 7.71 2.11 -10.52
C HIS A 149 6.83 0.88 -10.77
N LEU A 150 5.65 0.83 -10.13
CA LEU A 150 4.77 -0.32 -10.28
C LEU A 150 4.45 -0.56 -11.75
N HIS A 151 4.08 0.51 -12.44
CA HIS A 151 3.67 0.40 -13.82
C HIS A 151 4.79 -0.14 -14.70
N SER A 152 6.03 0.24 -14.40
CA SER A 152 7.19 -0.25 -15.13
C SER A 152 7.38 -1.75 -14.98
N GLN A 153 6.83 -2.30 -13.90
CA GLN A 153 6.95 -3.71 -13.60
C GLN A 153 5.71 -4.45 -14.09
N GLY A 154 4.87 -3.73 -14.82
CA GLY A 154 3.60 -4.26 -15.31
C GLY A 154 2.59 -4.51 -14.21
N LEU A 155 2.64 -3.69 -13.16
CA LEU A 155 1.79 -3.88 -11.98
C LEU A 155 0.85 -2.71 -11.76
N VAL A 156 -0.36 -3.01 -11.28
CA VAL A 156 -1.33 -1.98 -10.89
C VAL A 156 -1.81 -2.27 -9.47
N HIS A 157 -1.77 -1.24 -8.63
CA HIS A 157 -2.26 -1.35 -7.26
C HIS A 157 -3.76 -1.02 -7.21
N LEU A 158 -4.56 -1.99 -6.82
CA LEU A 158 -5.99 -1.75 -6.83
C LEU A 158 -6.54 -1.35 -5.48
N ASP A 159 -5.68 -0.97 -4.54
CA ASP A 159 -6.19 -0.45 -3.26
C ASP A 159 -5.27 0.63 -2.71
N VAL A 160 -4.96 1.64 -3.53
CA VAL A 160 -4.26 2.83 -3.05
C VAL A 160 -5.24 3.63 -2.19
N LYS A 161 -4.84 3.90 -0.95
CA LYS A 161 -5.71 4.62 0.00
C LYS A 161 -4.81 5.08 1.14
N PRO A 162 -5.30 6.03 1.97
CA PRO A 162 -4.44 6.54 3.05
C PRO A 162 -3.88 5.46 3.99
N ALA A 163 -4.64 4.40 4.24
CA ALA A 163 -4.19 3.37 5.16
C ALA A 163 -3.06 2.52 4.58
N ASN A 164 -2.83 2.62 3.26
CA ASN A 164 -1.81 1.80 2.61
C ASN A 164 -0.57 2.57 2.20
N ILE A 165 -0.45 3.79 2.70
CA ILE A 165 0.74 4.61 2.45
C ILE A 165 1.37 4.93 3.80
N PHE A 166 2.66 4.66 3.96
CA PHE A 166 3.32 4.73 5.26
C PHE A 166 4.44 5.76 5.26
N LEU A 167 4.47 6.57 6.30
CA LEU A 167 5.42 7.67 6.35
C LEU A 167 6.85 7.20 6.58
N GLY A 168 7.81 8.01 6.15
CA GLY A 168 9.21 7.71 6.36
C GLY A 168 9.97 8.94 6.79
N PRO A 169 11.29 8.93 6.57
CA PRO A 169 12.19 10.01 6.99
C PRO A 169 11.94 11.31 6.24
N ARG A 170 11.82 12.42 6.97
CA ARG A 170 11.80 13.76 6.39
C ARG A 170 10.75 13.96 5.30
N GLY A 171 9.50 13.64 5.61
CA GLY A 171 8.40 13.92 4.70
C GLY A 171 8.18 12.86 3.64
N ARG A 172 8.99 11.81 3.67
CA ARG A 172 8.86 10.74 2.67
C ARG A 172 7.73 9.77 3.01
N CYS A 173 7.19 9.10 1.99
CA CYS A 173 6.26 8.02 2.27
C CYS A 173 6.41 6.89 1.27
N LYS A 174 5.87 5.74 1.66
CA LYS A 174 6.04 4.49 0.91
C LYS A 174 4.71 3.78 0.78
N LEU A 175 4.40 3.35 -0.45
CA LEU A 175 3.22 2.54 -0.73
C LEU A 175 3.42 1.09 -0.34
N GLY A 176 2.39 0.46 0.22
CA GLY A 176 2.49 -0.93 0.65
C GLY A 176 1.20 -1.71 0.41
N ASP A 177 1.07 -2.85 1.08
CA ASP A 177 -0.07 -3.76 0.90
C ASP A 177 -0.16 -4.22 -0.56
N PHE A 178 0.77 -5.08 -0.97
CA PHE A 178 0.82 -5.47 -2.36
C PHE A 178 0.08 -6.77 -2.67
N GLY A 179 -0.75 -7.22 -1.75
CA GLY A 179 -1.63 -8.35 -2.03
C GLY A 179 -2.78 -7.90 -2.93
N LEU A 180 -2.90 -6.59 -3.11
CA LEU A 180 -3.95 -5.97 -3.91
C LEU A 180 -3.41 -5.53 -5.27
N LEU A 181 -2.22 -6.02 -5.60
CA LEU A 181 -1.57 -5.75 -6.88
C LEU A 181 -2.11 -6.71 -7.94
N VAL A 182 -2.33 -6.21 -9.15
CA VAL A 182 -2.62 -7.09 -10.28
C VAL A 182 -1.60 -6.87 -11.39
N GLU A 183 -1.41 -7.86 -12.24
CA GLU A 183 -0.48 -7.70 -13.35
C GLU A 183 -1.17 -7.36 -14.66
N LEU A 184 -0.43 -6.69 -15.53
CA LEU A 184 -0.95 -6.33 -16.83
C LEU A 184 -0.62 -7.45 -17.81
N GLY A 190 -4.59 -11.94 -12.43
CA GLY A 190 -4.49 -12.65 -11.16
C GLY A 190 -5.69 -12.39 -10.25
N GLU A 191 -5.89 -13.29 -9.30
CA GLU A 191 -6.96 -13.12 -8.32
C GLU A 191 -6.67 -11.90 -7.45
N VAL A 192 -7.71 -11.15 -7.12
CA VAL A 192 -7.57 -9.96 -6.31
C VAL A 192 -8.84 -9.69 -5.50
N GLN A 193 -8.67 -9.14 -4.29
CA GLN A 193 -9.82 -8.80 -3.46
C GLN A 193 -10.35 -7.42 -3.85
N GLU A 194 -11.47 -7.03 -3.25
CA GLU A 194 -12.11 -5.76 -3.56
C GLU A 194 -11.37 -4.58 -2.92
N GLY A 195 -11.10 -3.54 -3.71
CA GLY A 195 -10.53 -2.32 -3.18
C GLY A 195 -11.59 -1.50 -2.46
N ASP A 196 -11.18 -0.48 -1.72
CA ASP A 196 -12.11 0.40 -1.02
C ASP A 196 -12.92 1.19 -2.06
N PRO A 197 -14.26 1.13 -1.99
CA PRO A 197 -15.05 1.82 -3.02
C PRO A 197 -14.86 3.32 -2.99
N ARG A 198 -14.48 3.88 -1.84
CA ARG A 198 -14.30 5.32 -1.78
C ARG A 198 -13.26 5.81 -2.79
N TYR A 199 -12.24 5.00 -3.07
CA TYR A 199 -11.13 5.46 -3.92
C TYR A 199 -11.10 4.80 -5.29
N MET A 200 -12.14 4.04 -5.62
CA MET A 200 -12.09 3.21 -6.81
C MET A 200 -12.30 4.01 -8.10
N ALA A 201 -11.46 3.75 -9.10
CA ALA A 201 -11.62 4.38 -10.41
C ALA A 201 -12.93 3.92 -11.04
N PRO A 202 -13.63 4.82 -11.75
CA PRO A 202 -14.96 4.47 -12.24
C PRO A 202 -14.96 3.29 -13.22
N GLU A 203 -13.89 3.14 -13.99
CA GLU A 203 -13.85 2.05 -14.97
C GLU A 203 -13.82 0.67 -14.32
N LEU A 204 -13.41 0.59 -13.06
CA LEU A 204 -13.37 -0.71 -12.38
C LEU A 204 -14.76 -1.30 -12.15
N LEU A 205 -15.79 -0.47 -12.20
CA LEU A 205 -17.18 -0.95 -12.15
C LEU A 205 -17.49 -1.95 -13.25
N GLN A 206 -16.81 -1.77 -14.38
CA GLN A 206 -16.97 -2.66 -15.53
C GLN A 206 -15.84 -3.69 -15.59
N GLY A 207 -15.06 -3.76 -14.52
CA GLY A 207 -13.96 -4.73 -14.45
C GLY A 207 -12.76 -4.29 -15.25
N SER A 208 -12.80 -3.05 -15.75
CA SER A 208 -11.73 -2.55 -16.59
C SER A 208 -10.64 -1.94 -15.72
N TYR A 209 -9.39 -2.28 -15.99
CA TYR A 209 -8.30 -1.67 -15.24
C TYR A 209 -7.07 -1.47 -16.11
N GLY A 210 -6.14 -0.68 -15.59
CA GLY A 210 -4.90 -0.43 -16.30
C GLY A 210 -4.10 0.50 -15.42
N THR A 211 -2.98 1.00 -15.94
CA THR A 211 -2.13 1.88 -15.16
C THR A 211 -2.86 3.12 -14.70
N ALA A 212 -3.94 3.49 -15.38
CA ALA A 212 -4.67 4.69 -14.99
C ALA A 212 -5.45 4.54 -13.69
N ALA A 213 -5.76 3.29 -13.31
CA ALA A 213 -6.67 3.11 -12.19
C ALA A 213 -6.06 3.55 -10.87
N ASP A 214 -4.78 3.26 -10.64
CA ASP A 214 -4.24 3.66 -9.34
C ASP A 214 -3.89 5.16 -9.33
N VAL A 215 -3.71 5.77 -10.49
CA VAL A 215 -3.56 7.22 -10.54
C VAL A 215 -4.85 7.90 -10.03
N PHE A 216 -5.99 7.37 -10.44
CA PHE A 216 -7.26 7.89 -9.97
C PHE A 216 -7.40 7.69 -8.46
N SER A 217 -7.09 6.49 -7.97
CA SER A 217 -7.20 6.20 -6.55
C SER A 217 -6.28 7.11 -5.73
N LEU A 218 -5.09 7.35 -6.24
CA LEU A 218 -4.17 8.26 -5.55
C LEU A 218 -4.74 9.69 -5.53
N GLY A 219 -5.36 10.10 -6.63
CA GLY A 219 -6.04 11.40 -6.64
C GLY A 219 -7.07 11.55 -5.51
N LEU A 220 -7.90 10.55 -5.30
CA LEU A 220 -8.91 10.69 -4.23
C LEU A 220 -8.25 10.53 -2.85
N THR A 221 -7.19 9.73 -2.79
CA THR A 221 -6.43 9.55 -1.56
C THR A 221 -5.89 10.90 -1.09
N ILE A 222 -5.27 11.62 -2.02
CA ILE A 222 -4.66 12.88 -1.68
C ILE A 222 -5.77 13.91 -1.41
N LEU A 223 -6.85 13.84 -2.19
CA LEU A 223 -7.97 14.75 -1.94
C LEU A 223 -8.45 14.59 -0.50
N GLU A 224 -8.64 13.34 -0.08
CA GLU A 224 -9.16 13.09 1.25
C GLU A 224 -8.24 13.60 2.36
N VAL A 225 -6.94 13.37 2.19
CA VAL A 225 -6.01 13.78 3.24
C VAL A 225 -5.84 15.29 3.25
N ALA A 226 -5.95 15.92 2.08
CA ALA A 226 -5.79 17.37 1.97
C ALA A 226 -6.99 18.14 2.53
N CYS A 227 -8.18 17.58 2.37
CA CYS A 227 -9.39 18.29 2.82
C CYS A 227 -9.92 17.77 4.16
N ASN A 228 -9.40 16.63 4.62
CA ASN A 228 -9.80 16.01 5.87
C ASN A 228 -11.31 15.80 5.97
N MET A 229 -11.90 15.26 4.90
CA MET A 229 -13.32 14.95 4.87
C MET A 229 -13.54 13.55 4.30
N GLU A 230 -14.47 12.81 4.88
CA GLU A 230 -14.79 11.46 4.41
C GLU A 230 -15.36 11.49 3.00
N LEU A 231 -14.81 10.64 2.12
CA LEU A 231 -15.37 10.49 0.78
C LEU A 231 -16.52 9.50 0.79
N PRO A 232 -17.50 9.68 -0.10
CA PRO A 232 -18.66 8.79 -0.18
C PRO A 232 -18.29 7.38 -0.67
N HIS A 233 -18.97 6.36 -0.15
CA HIS A 233 -18.68 5.01 -0.58
C HIS A 233 -19.67 4.55 -1.66
N GLY A 234 -20.62 5.41 -2.01
CA GLY A 234 -21.60 5.07 -3.03
C GLY A 234 -22.62 6.19 -3.18
N GLY A 235 -23.60 6.00 -4.05
CA GLY A 235 -24.67 6.99 -4.18
C GLY A 235 -24.25 8.19 -5.02
N GLU A 236 -25.11 9.21 -5.03
CA GLU A 236 -24.88 10.38 -5.86
C GLU A 236 -23.53 11.04 -5.59
N GLY A 237 -23.14 11.11 -4.33
CA GLY A 237 -21.86 11.72 -3.97
C GLY A 237 -20.68 11.00 -4.61
N TRP A 238 -20.78 9.68 -4.68
CA TRP A 238 -19.75 8.85 -5.32
C TRP A 238 -19.69 9.15 -6.81
N GLN A 239 -20.85 9.27 -7.44
CA GLN A 239 -20.88 9.60 -8.86
C GLN A 239 -20.32 10.99 -9.13
N GLN A 240 -20.63 11.93 -8.25
CA GLN A 240 -20.27 13.32 -8.51
C GLN A 240 -18.78 13.62 -8.27
N LEU A 241 -18.03 12.64 -7.75
CA LEU A 241 -16.57 12.77 -7.73
C LEU A 241 -15.95 12.14 -8.97
N ARG A 242 -16.80 11.60 -9.85
CA ARG A 242 -16.29 10.85 -11.00
C ARG A 242 -16.83 11.45 -12.31
N GLN A 243 -16.95 12.78 -12.31
CA GLN A 243 -17.49 13.54 -13.44
C GLN A 243 -16.47 14.45 -14.11
N GLY A 244 -15.30 14.59 -13.50
CA GLY A 244 -14.27 15.48 -14.05
C GLY A 244 -14.22 16.88 -13.43
N TYR A 245 -14.80 17.04 -12.25
CA TYR A 245 -14.67 18.32 -11.54
C TYR A 245 -14.55 17.99 -10.07
N LEU A 246 -14.12 18.95 -9.26
CA LEU A 246 -14.10 18.75 -7.80
C LEU A 246 -15.29 19.46 -7.17
N PRO A 247 -16.16 18.69 -6.51
CA PRO A 247 -17.26 19.32 -5.77
C PRO A 247 -16.70 20.27 -4.72
N PRO A 248 -17.27 21.48 -4.62
CA PRO A 248 -16.82 22.52 -3.69
C PRO A 248 -16.76 22.02 -2.24
N GLU A 249 -17.59 21.03 -1.93
CA GLU A 249 -17.61 20.39 -0.62
C GLU A 249 -16.19 20.03 -0.14
N PHE A 250 -15.36 19.58 -1.07
CA PHE A 250 -14.05 19.03 -0.76
C PHE A 250 -12.86 19.97 -1.02
N THR A 251 -13.12 21.18 -1.48
CA THR A 251 -12.02 22.02 -1.97
C THR A 251 -11.72 23.21 -1.08
N ALA A 252 -12.46 23.35 0.02
CA ALA A 252 -12.22 24.46 0.94
C ALA A 252 -10.77 24.41 1.44
N GLY A 253 -10.03 25.48 1.19
CA GLY A 253 -8.67 25.58 1.68
C GLY A 253 -7.61 24.96 0.78
N LEU A 254 -8.04 24.25 -0.26
CA LEU A 254 -7.08 23.68 -1.21
C LEU A 254 -6.58 24.75 -2.17
N SER A 255 -5.26 24.81 -2.39
CA SER A 255 -4.69 25.80 -3.28
C SER A 255 -5.16 25.57 -4.71
N SER A 256 -5.12 26.62 -5.52
CA SER A 256 -5.41 26.45 -6.95
C SER A 256 -4.49 25.39 -7.59
N GLU A 257 -3.22 25.43 -7.22
CA GLU A 257 -2.24 24.51 -7.78
C GLU A 257 -2.58 23.06 -7.43
N LEU A 258 -2.93 22.79 -6.19
CA LEU A 258 -3.24 21.40 -5.84
C LEU A 258 -4.51 20.94 -6.54
N ARG A 259 -5.53 21.80 -6.56
CA ARG A 259 -6.78 21.45 -7.22
C ARG A 259 -6.57 21.06 -8.68
N SER A 260 -5.70 21.79 -9.37
CA SER A 260 -5.52 21.55 -10.80
C SER A 260 -4.89 20.18 -11.05
N VAL A 261 -3.90 19.83 -10.24
CA VAL A 261 -3.24 18.53 -10.37
C VAL A 261 -4.23 17.42 -10.01
N LEU A 262 -5.02 17.60 -8.95
CA LEU A 262 -5.98 16.55 -8.60
C LEU A 262 -6.98 16.34 -9.72
N VAL A 263 -7.40 17.41 -10.40
CA VAL A 263 -8.41 17.22 -11.43
C VAL A 263 -7.81 16.48 -12.62
N MET A 264 -6.52 16.68 -12.88
CA MET A 264 -5.83 15.86 -13.88
C MET A 264 -5.91 14.38 -13.55
N MET A 265 -5.78 14.06 -12.26
CA MET A 265 -5.74 12.67 -11.81
C MET A 265 -7.12 12.05 -11.74
N LEU A 266 -8.14 12.90 -11.69
CA LEU A 266 -9.50 12.43 -11.47
C LEU A 266 -10.34 12.40 -12.75
N GLU A 267 -9.70 12.62 -13.88
CA GLU A 267 -10.37 12.48 -15.18
C GLU A 267 -11.06 11.11 -15.26
N PRO A 268 -12.38 11.09 -15.53
CA PRO A 268 -13.12 9.82 -15.48
C PRO A 268 -12.76 8.85 -16.60
N ASP A 269 -12.36 9.38 -17.76
CA ASP A 269 -11.99 8.54 -18.90
C ASP A 269 -10.53 8.14 -18.73
N PRO A 270 -10.28 6.84 -18.50
CA PRO A 270 -8.91 6.41 -18.23
C PRO A 270 -7.96 6.65 -19.43
N LYS A 271 -8.51 6.75 -20.63
CA LYS A 271 -7.69 7.05 -21.81
C LYS A 271 -7.16 8.47 -21.79
N LEU A 272 -7.89 9.36 -21.12
CA LEU A 272 -7.53 10.77 -21.05
C LEU A 272 -6.76 11.12 -19.79
N ARG A 273 -6.85 10.25 -18.78
CA ARG A 273 -6.32 10.55 -17.45
C ARG A 273 -4.80 10.69 -17.52
N ALA A 274 -4.24 11.63 -16.76
CA ALA A 274 -2.79 11.84 -16.73
C ALA A 274 -2.04 10.59 -16.28
N THR A 275 -0.88 10.33 -16.87
CA THR A 275 -0.03 9.24 -16.41
C THR A 275 0.82 9.67 -15.23
N ALA A 276 1.34 8.70 -14.47
CA ALA A 276 2.18 9.06 -13.33
C ALA A 276 3.38 9.87 -13.80
N GLU A 277 3.96 9.48 -14.93
CA GLU A 277 5.17 10.13 -15.40
C GLU A 277 4.84 11.55 -15.89
N ALA A 278 3.67 11.73 -16.48
CA ALA A 278 3.29 13.05 -16.96
C ALA A 278 3.11 13.99 -15.79
N LEU A 279 2.52 13.47 -14.71
CA LEU A 279 2.34 14.24 -13.50
C LEU A 279 3.68 14.59 -12.85
N LEU A 280 4.57 13.61 -12.78
CA LEU A 280 5.90 13.86 -12.20
C LEU A 280 6.72 14.87 -13.01
N ALA A 281 6.37 15.05 -14.28
CA ALA A 281 7.08 15.99 -15.16
C ALA A 281 6.57 17.43 -15.02
N LEU A 282 5.50 17.62 -14.27
CA LEU A 282 4.97 18.96 -14.05
C LEU A 282 5.95 19.80 -13.22
N PRO A 283 6.11 21.08 -13.58
CA PRO A 283 6.97 21.99 -12.82
C PRO A 283 6.67 21.97 -11.32
N VAL A 284 5.40 21.85 -10.96
CA VAL A 284 5.01 21.89 -9.55
C VAL A 284 5.48 20.65 -8.78
N LEU A 285 5.80 19.56 -9.49
CA LEU A 285 6.21 18.34 -8.79
C LEU A 285 7.70 18.06 -8.96
N ARG A 286 8.44 19.05 -9.41
CA ARG A 286 9.89 18.92 -9.49
C ARG A 286 10.49 18.54 -8.13
N GLN A 287 11.41 17.59 -8.14
CA GLN A 287 12.24 17.25 -6.99
C GLN A 287 11.43 16.95 -5.72
N GLY B . 0.71 23.95 -15.67
CA GLY B . -0.22 22.93 -16.11
C GLY B . -1.16 22.49 -15.00
O GLY B . -0.72 22.02 -13.94
OXT GLY B . -2.38 22.60 -15.14
N1 A1D85 C . -2.33 -1.70 9.68
N3 A1D85 C . -4.74 -1.41 5.60
C4 A1D85 C . 1.78 -2.15 8.53
C5 A1D85 C . 2.08 -3.10 7.55
C6 A1D85 C . 3.40 -3.21 7.07
C7 A1D85 C . 0.33 -2.00 9.00
C8 A1D85 C . -0.01 -1.40 10.24
C10 A1D85 C . -2.04 -2.24 8.51
C13 A1D85 C . -2.78 -2.91 5.24
C15 A1D85 C . -5.35 -1.98 6.78
C17 A1D85 C . 3.58 -4.29 6.01
C20 A1D85 C . 3.76 -6.24 4.04
C21 A1D85 C . 3.24 -4.97 3.72
C22 A1D85 C . 3.14 -4.00 4.70
C24 A1D85 C . 4.59 -5.86 7.79
C1 A1D85 C . 4.42 -2.40 7.57
C2 A1D85 C . 4.09 -1.45 8.56
C3 A1D85 C . 2.79 -1.31 9.04
C9 A1D85 C . -1.36 -1.27 10.55
C11 A1D85 C . -0.71 -2.42 8.10
N2 A1D85 C . -3.13 -2.62 7.67
C12 A1D85 C . -2.90 -3.57 6.62
C14 A1D85 C . -4.14 -2.40 4.75
C16 A1D85 C . -4.38 -1.92 7.97
C18 A1D85 C . 4.11 -5.56 6.35
C19 A1D85 C . 4.19 -6.53 5.35
O1 A1D85 C . 2.78 -4.68 2.37
C23 A1D85 C . 2.56 -2.63 4.32
N4 A1D85 C . 5.75 -2.51 7.08
C25 A1D85 C . 5.18 -0.52 9.14
N5 A1D85 C . 4.75 0.60 9.88
O2 A1D85 C . 6.36 -0.74 8.95
#